data_5JRV
#
_entry.id   5JRV
#
_cell.length_a   80.385
_cell.length_b   127.626
_cell.length_c   42.937
_cell.angle_alpha   90.00
_cell.angle_beta   90.00
_cell.angle_gamma   90.00
#
_symmetry.space_group_name_H-M   'P 21 21 2'
#
loop_
_entity.id
_entity.type
_entity.pdbx_description
1 polymer 'Methyl-accepting chemotaxis protein'
2 non-polymer 'PROTOPORPHYRIN IX CONTAINING FE'
3 non-polymer 'NITRIC OXIDE'
4 non-polymer 'IODIDE ION'
5 water water
#
_entity_poly.entity_id   1
_entity_poly.type   'polypeptide(L)'
_entity_poly.pdbx_seq_one_letter_code
;MKGTIVGTWIKTLRDLYGNDVVDESLKSVGWEPDRVITPLEDIDDDEVRRIFAKVSEKTGKNVNEIWREVGRQNIKTFSE
WFPSYFAGRRLVNFLMMMDEVHLQLTKMIKGATPPRLIAKPVAKDAIEMEYVSKRKMYDYFLGLIEGSSKFFKEEISVEE
VERGEKDGFSRLKVRIKFKNPVFEYKKN
;
_entity_poly.pdbx_strand_id   A,B
#
loop_
_chem_comp.id
_chem_comp.type
_chem_comp.name
_chem_comp.formula
HEM non-polymer 'PROTOPORPHYRIN IX CONTAINING FE' 'C34 H32 Fe N4 O4'
IOD non-polymer 'IODIDE ION' 'I -1'
NO non-polymer 'NITRIC OXIDE' 'N O'
#
# COMPACT_ATOMS: atom_id res chain seq x y z
N MET A 1 -15.29 -8.96 9.57
CA MET A 1 -13.88 -8.66 9.35
C MET A 1 -13.62 -8.40 7.86
N LYS A 2 -12.89 -7.33 7.56
CA LYS A 2 -12.53 -7.03 6.18
C LYS A 2 -11.86 -8.24 5.54
N GLY A 3 -12.34 -8.61 4.35
CA GLY A 3 -11.88 -9.85 3.73
C GLY A 3 -10.39 -9.86 3.46
N THR A 4 -9.84 -8.71 3.08
CA THR A 4 -8.41 -8.63 2.81
C THR A 4 -7.60 -9.03 4.04
N ILE A 5 -8.03 -8.60 5.23
CA ILE A 5 -7.31 -8.90 6.45
C ILE A 5 -7.40 -10.39 6.77
N VAL A 6 -8.57 -10.99 6.55
CA VAL A 6 -8.69 -12.45 6.68
C VAL A 6 -7.72 -13.14 5.73
N GLY A 7 -7.56 -12.58 4.52
CA GLY A 7 -6.59 -13.13 3.60
C GLY A 7 -5.17 -13.09 4.12
N THR A 8 -4.80 -11.99 4.79
CA THR A 8 -3.47 -11.93 5.39
C THR A 8 -3.32 -12.99 6.48
N TRP A 9 -4.39 -13.23 7.25
CA TRP A 9 -4.32 -14.24 8.30
C TRP A 9 -4.13 -15.64 7.71
N ILE A 10 -4.78 -15.92 6.58
CA ILE A 10 -4.62 -17.22 5.94
C ILE A 10 -3.17 -17.42 5.50
N LYS A 11 -2.58 -16.41 4.87
CA LYS A 11 -1.18 -16.52 4.46
C LYS A 11 -0.27 -16.69 5.67
N THR A 12 -0.51 -15.90 6.71
CA THR A 12 0.32 -15.99 7.92
C THR A 12 0.19 -17.36 8.57
N LEU A 13 -1.02 -17.94 8.57
CA LEU A 13 -1.20 -19.25 9.17
C LEU A 13 -0.42 -20.33 8.40
N ARG A 14 -0.33 -20.18 7.08
CA ARG A 14 0.50 -21.11 6.31
C ARG A 14 1.97 -20.94 6.65
N ASP A 15 2.42 -19.68 6.80
CA ASP A 15 3.82 -19.44 7.16
C ASP A 15 4.16 -20.01 8.53
N LEU A 16 3.19 -20.03 9.44
CA LEU A 16 3.44 -20.48 10.80
C LEU A 16 3.25 -21.99 10.97
N TYR A 17 2.18 -22.56 10.40
CA TYR A 17 1.80 -23.92 10.72
C TYR A 17 1.75 -24.87 9.53
N GLY A 18 1.85 -24.38 8.31
CA GLY A 18 1.92 -25.27 7.17
C GLY A 18 0.63 -25.27 6.35
N ASN A 19 0.78 -25.63 5.08
CA ASN A 19 -0.35 -25.62 4.16
C ASN A 19 -1.39 -26.66 4.53
N ASP A 20 -0.97 -27.80 5.08
CA ASP A 20 -1.92 -28.86 5.43
C ASP A 20 -2.90 -28.39 6.51
N VAL A 21 -2.37 -27.83 7.60
CA VAL A 21 -3.22 -27.33 8.68
C VAL A 21 -4.24 -26.33 8.15
N VAL A 22 -3.81 -25.45 7.24
CA VAL A 22 -4.69 -24.39 6.76
C VAL A 22 -5.71 -24.92 5.76
N ASP A 23 -5.23 -25.66 4.76
CA ASP A 23 -6.14 -26.18 3.73
C ASP A 23 -7.25 -27.02 4.35
N GLU A 24 -6.91 -27.87 5.33
CA GLU A 24 -7.93 -28.67 5.98
C GLU A 24 -8.87 -27.82 6.81
N SER A 25 -8.33 -26.86 7.56
CA SER A 25 -9.18 -25.98 8.36
C SER A 25 -10.16 -25.21 7.48
N LEU A 26 -9.69 -24.70 6.34
CA LEU A 26 -10.56 -23.94 5.45
C LEU A 26 -11.66 -24.82 4.86
N LYS A 27 -11.36 -26.10 4.61
CA LYS A 27 -12.37 -26.98 4.03
C LYS A 27 -13.37 -27.47 5.07
N SER A 28 -13.00 -27.48 6.36
CA SER A 28 -13.94 -27.84 7.41
C SER A 28 -15.01 -26.78 7.61
N VAL A 29 -14.77 -25.54 7.20
CA VAL A 29 -15.79 -24.51 7.21
C VAL A 29 -16.45 -24.33 5.84
N GLY A 30 -16.19 -25.25 4.91
CA GLY A 30 -16.93 -25.27 3.65
C GLY A 30 -16.37 -24.42 2.53
N TRP A 31 -15.17 -23.87 2.66
CA TRP A 31 -14.58 -23.11 1.58
C TRP A 31 -14.07 -24.06 0.49
N GLU A 32 -14.15 -23.61 -0.76
CA GLU A 32 -13.53 -24.45 -1.78
C GLU A 32 -12.06 -24.05 -1.97
N PRO A 33 -11.17 -25.02 -2.25
CA PRO A 33 -9.73 -24.77 -2.33
C PRO A 33 -9.38 -24.11 -3.66
N ASP A 34 -8.75 -22.94 -3.76
CA ASP A 34 -8.21 -22.04 -2.76
C ASP A 34 -8.96 -20.72 -2.84
N ARG A 35 -9.76 -20.36 -1.85
CA ARG A 35 -10.59 -19.19 -2.04
C ARG A 35 -9.72 -17.93 -2.11
N VAL A 36 -10.04 -17.05 -3.06
CA VAL A 36 -9.45 -15.73 -3.14
C VAL A 36 -10.47 -14.74 -2.60
N ILE A 37 -10.07 -13.95 -1.60
CA ILE A 37 -10.98 -13.01 -0.96
C ILE A 37 -10.72 -11.60 -1.49
N THR A 38 -11.79 -10.93 -1.88
CA THR A 38 -11.69 -9.67 -2.60
C THR A 38 -11.55 -8.48 -1.65
N PRO A 39 -11.01 -7.36 -2.15
CA PRO A 39 -10.90 -6.15 -1.32
C PRO A 39 -12.19 -5.67 -0.65
N LEU A 40 -13.37 -6.00 -1.18
CA LEU A 40 -14.62 -5.51 -0.61
C LEU A 40 -15.39 -6.57 0.16
N GLU A 41 -14.89 -7.80 0.18
CA GLU A 41 -15.58 -8.89 0.86
C GLU A 41 -15.50 -8.72 2.37
N ASP A 42 -16.51 -9.23 3.06
CA ASP A 42 -16.58 -9.27 4.51
C ASP A 42 -16.76 -10.71 4.94
N ILE A 43 -15.78 -11.25 5.66
CA ILE A 43 -15.88 -12.56 6.27
C ILE A 43 -16.50 -12.41 7.65
N ASP A 44 -17.46 -13.28 7.97
CA ASP A 44 -18.13 -13.21 9.25
C ASP A 44 -17.20 -13.65 10.37
N ASP A 45 -17.20 -12.89 11.47
CA ASP A 45 -16.31 -13.19 12.60
C ASP A 45 -16.51 -14.60 13.13
N ASP A 46 -17.72 -15.15 13.02
CA ASP A 46 -17.96 -16.51 13.49
C ASP A 46 -17.21 -17.52 12.63
N GLU A 47 -17.08 -17.25 11.33
CA GLU A 47 -16.27 -18.11 10.47
C GLU A 47 -14.79 -18.04 10.85
N VAL A 48 -14.26 -16.83 11.05
CA VAL A 48 -12.88 -16.68 11.52
C VAL A 48 -12.65 -17.53 12.76
N ARG A 49 -13.54 -17.42 13.73
CA ARG A 49 -13.39 -18.17 14.98
C ARG A 49 -13.41 -19.68 14.72
N ARG A 50 -14.24 -20.12 13.77
CA ARG A 50 -14.29 -21.55 13.45
C ARG A 50 -13.01 -22.00 12.75
N ILE A 51 -12.45 -21.16 11.87
CA ILE A 51 -11.18 -21.49 11.23
C ILE A 51 -10.08 -21.63 12.29
N PHE A 52 -9.95 -20.63 13.16
CA PHE A 52 -8.89 -20.67 14.17
C PHE A 52 -9.13 -21.77 15.19
N ALA A 53 -10.39 -22.10 15.48
CA ALA A 53 -10.66 -23.22 16.38
C ALA A 53 -10.13 -24.53 15.81
N LYS A 54 -10.25 -24.71 14.49
CA LYS A 54 -9.71 -25.92 13.87
C LYS A 54 -8.18 -25.90 13.81
N VAL A 55 -7.58 -24.72 13.64
CA VAL A 55 -6.13 -24.62 13.73
C VAL A 55 -5.65 -25.01 15.11
N SER A 56 -6.36 -24.56 16.15
CA SER A 56 -6.00 -24.92 17.52
C SER A 56 -6.06 -26.42 17.74
N GLU A 57 -7.09 -27.08 17.20
CA GLU A 57 -7.25 -28.52 17.40
C GLU A 57 -6.10 -29.29 16.76
N LYS A 58 -5.71 -28.90 15.54
CA LYS A 58 -4.71 -29.66 14.80
C LYS A 58 -3.30 -29.37 15.29
N THR A 59 -3.03 -28.16 15.77
CA THR A 59 -1.70 -27.83 16.25
C THR A 59 -1.50 -28.21 17.72
N GLY A 60 -2.57 -28.46 18.46
CA GLY A 60 -2.45 -28.60 19.90
C GLY A 60 -2.20 -27.32 20.65
N LYS A 61 -2.07 -26.18 19.95
CA LYS A 61 -1.84 -24.90 20.58
C LYS A 61 -3.16 -24.25 20.96
N ASN A 62 -3.15 -23.56 22.11
CA ASN A 62 -4.32 -22.81 22.54
C ASN A 62 -4.54 -21.61 21.63
N VAL A 63 -5.81 -21.26 21.42
CA VAL A 63 -6.15 -20.28 20.40
C VAL A 63 -5.58 -18.90 20.73
N ASN A 64 -5.41 -18.59 22.02
CA ASN A 64 -4.76 -17.32 22.38
C ASN A 64 -3.33 -17.30 21.90
N GLU A 65 -2.63 -18.42 22.04
CA GLU A 65 -1.24 -18.50 21.61
C GLU A 65 -1.13 -18.41 20.08
N ILE A 66 -2.08 -19.02 19.38
CA ILE A 66 -2.15 -18.88 17.92
C ILE A 66 -2.29 -17.41 17.54
N TRP A 67 -3.27 -16.73 18.13
CA TRP A 67 -3.51 -15.33 17.81
C TRP A 67 -2.30 -14.47 18.11
N ARG A 68 -1.59 -14.78 19.20
CA ARG A 68 -0.38 -14.04 19.52
C ARG A 68 0.71 -14.26 18.47
N GLU A 69 0.87 -15.51 18.02
CA GLU A 69 1.87 -15.79 16.99
C GLU A 69 1.42 -15.21 15.65
N VAL A 70 0.13 -15.24 15.35
CA VAL A 70 -0.38 -14.64 14.12
C VAL A 70 -0.15 -13.14 14.12
N GLY A 71 -0.39 -12.48 15.27
CA GLY A 71 -0.13 -11.06 15.36
C GLY A 71 1.33 -10.71 15.08
N ARG A 72 2.26 -11.48 15.65
CA ARG A 72 3.66 -11.22 15.43
C ARG A 72 4.04 -11.38 13.96
N GLN A 73 3.56 -12.45 13.33
CA GLN A 73 3.95 -12.78 11.97
C GLN A 73 3.21 -11.96 10.92
N ASN A 74 2.00 -11.48 11.25
CA ASN A 74 1.22 -10.77 10.25
C ASN A 74 1.81 -9.41 9.89
N ILE A 75 2.68 -8.86 10.74
CA ILE A 75 3.38 -7.63 10.39
C ILE A 75 4.22 -7.84 9.13
N LYS A 76 4.93 -8.97 9.06
CA LYS A 76 5.69 -9.29 7.86
C LYS A 76 4.77 -9.43 6.65
N THR A 77 3.63 -10.09 6.84
CA THR A 77 2.66 -10.21 5.75
C THR A 77 2.16 -8.83 5.33
N PHE A 78 1.81 -7.98 6.30
CA PHE A 78 1.38 -6.61 5.99
C PHE A 78 2.45 -5.85 5.23
N SER A 79 3.73 -6.06 5.57
CA SER A 79 4.79 -5.30 4.91
C SER A 79 4.89 -5.63 3.44
N GLU A 80 4.45 -6.84 3.05
CA GLU A 80 4.46 -7.22 1.65
C GLU A 80 3.19 -6.77 0.94
N TRP A 81 2.04 -6.83 1.62
CA TRP A 81 0.78 -6.45 0.98
C TRP A 81 0.56 -4.94 1.00
N PHE A 82 0.97 -4.26 2.07
CA PHE A 82 0.78 -2.82 2.23
C PHE A 82 2.13 -2.13 2.40
N PRO A 83 3.01 -2.21 1.41
CA PRO A 83 4.40 -1.73 1.63
C PRO A 83 4.49 -0.23 1.89
N SER A 84 3.59 0.59 1.34
CA SER A 84 3.69 2.03 1.56
C SER A 84 3.37 2.42 3.00
N TYR A 85 2.72 1.55 3.77
CA TYR A 85 2.43 1.84 5.17
C TYR A 85 3.67 1.68 6.05
N PHE A 86 4.71 1.04 5.54
CA PHE A 86 5.94 0.80 6.29
C PHE A 86 7.11 1.64 5.82
N ALA A 87 7.29 1.81 4.51
CA ALA A 87 8.46 2.48 3.98
C ALA A 87 8.50 3.95 4.40
N GLY A 88 9.67 4.40 4.84
CA GLY A 88 9.83 5.79 5.19
C GLY A 88 9.27 6.17 6.54
N ARG A 89 8.91 5.19 7.36
CA ARG A 89 8.42 5.43 8.71
C ARG A 89 9.30 4.73 9.72
N ARG A 90 9.17 5.15 10.96
CA ARG A 90 9.77 4.47 12.11
C ARG A 90 8.64 3.93 12.99
N LEU A 91 9.02 3.12 13.99
CA LEU A 91 8.02 2.37 14.75
C LEU A 91 6.95 3.28 15.34
N VAL A 92 7.35 4.45 15.84
CA VAL A 92 6.40 5.26 16.58
C VAL A 92 5.41 5.96 15.65
N ASN A 93 5.86 6.38 14.45
CA ASN A 93 4.93 6.88 13.44
C ASN A 93 3.92 5.81 13.06
N PHE A 94 4.42 4.60 12.81
CA PHE A 94 3.58 3.49 12.38
C PHE A 94 2.49 3.19 13.40
N LEU A 95 2.89 3.03 14.67
CA LEU A 95 1.91 2.76 15.72
C LEU A 95 0.89 3.89 15.84
N MET A 96 1.34 5.14 15.73
CA MET A 96 0.46 6.27 16.03
C MET A 96 -0.52 6.57 14.89
N MET A 97 -0.28 6.06 13.69
CA MET A 97 -1.22 6.24 12.59
C MET A 97 -2.24 5.11 12.51
N MET A 98 -2.14 4.09 13.37
CA MET A 98 -2.97 2.90 13.20
C MET A 98 -4.44 3.19 13.46
N ASP A 99 -4.75 4.02 14.47
CA ASP A 99 -6.15 4.32 14.75
C ASP A 99 -6.84 4.96 13.56
N GLU A 100 -6.20 5.95 12.93
CA GLU A 100 -6.78 6.58 11.76
C GLU A 100 -6.86 5.61 10.59
N VAL A 101 -5.83 4.77 10.42
CA VAL A 101 -5.84 3.76 9.35
C VAL A 101 -7.05 2.85 9.49
N HIS A 102 -7.33 2.37 10.70
CA HIS A 102 -8.42 1.43 10.88
C HIS A 102 -9.78 2.11 10.72
N LEU A 103 -9.89 3.38 11.09
CA LEU A 103 -11.11 4.13 10.80
C LEU A 103 -11.34 4.23 9.29
N GLN A 104 -10.32 4.65 8.54
CA GLN A 104 -10.51 4.98 7.14
C GLN A 104 -10.44 3.76 6.22
N LEU A 105 -9.79 2.67 6.64
CA LEU A 105 -9.84 1.42 5.87
C LEU A 105 -11.17 0.68 6.04
N THR A 106 -12.00 1.10 6.99
CA THR A 106 -13.31 0.51 7.21
C THR A 106 -14.42 1.55 7.05
N LYS A 107 -14.06 2.80 6.77
CA LYS A 107 -15.03 3.89 6.69
C LYS A 107 -16.04 3.69 5.58
N MET A 108 -15.70 2.95 4.53
CA MET A 108 -16.60 2.68 3.42
C MET A 108 -17.49 1.47 3.66
N ILE A 109 -17.41 0.85 4.84
CA ILE A 109 -18.14 -0.38 5.13
C ILE A 109 -19.33 -0.06 6.01
N LYS A 110 -20.50 -0.58 5.64
CA LYS A 110 -21.74 -0.26 6.34
C LYS A 110 -21.79 -0.97 7.68
N GLY A 111 -22.08 -0.24 8.74
CA GLY A 111 -22.06 -0.82 10.08
C GLY A 111 -20.69 -1.28 10.51
N ALA A 112 -19.65 -0.52 10.15
CA ALA A 112 -18.28 -0.95 10.42
C ALA A 112 -17.95 -0.86 11.90
N THR A 113 -17.08 -1.76 12.35
CA THR A 113 -16.67 -1.86 13.75
C THR A 113 -15.17 -2.07 13.83
N PRO A 114 -14.38 -1.06 13.45
CA PRO A 114 -12.94 -1.22 13.56
C PRO A 114 -12.51 -1.15 15.01
N PRO A 115 -11.40 -1.78 15.37
CA PRO A 115 -10.81 -1.50 16.67
C PRO A 115 -10.36 -0.06 16.74
N ARG A 116 -10.58 0.56 17.89
CA ARG A 116 -9.93 1.83 18.19
C ARG A 116 -8.57 1.52 18.76
N LEU A 117 -7.58 2.31 18.37
CA LEU A 117 -6.18 2.05 18.67
C LEU A 117 -5.47 3.34 19.04
N ILE A 118 -6.16 4.20 19.79
CA ILE A 118 -5.66 5.55 20.05
C ILE A 118 -4.34 5.49 20.80
N ALA A 119 -3.33 6.19 20.28
CA ALA A 119 -2.03 6.30 20.92
C ALA A 119 -1.80 7.74 21.34
N LYS A 120 -1.08 7.92 22.44
CA LYS A 120 -0.75 9.27 22.84
C LYS A 120 0.65 9.31 23.43
N PRO A 121 1.48 10.26 23.01
CA PRO A 121 2.81 10.39 23.64
C PRO A 121 2.67 10.76 25.11
N VAL A 122 3.51 10.17 25.95
CA VAL A 122 3.49 10.49 27.37
C VAL A 122 4.88 10.83 27.87
N ALA A 123 5.89 10.65 27.02
CA ALA A 123 7.26 10.99 27.36
C ALA A 123 8.07 10.97 26.07
N LYS A 124 9.30 11.48 26.15
CA LYS A 124 10.16 11.49 24.98
C LYS A 124 10.40 10.07 24.45
N ASP A 125 10.21 9.06 25.29
CA ASP A 125 10.50 7.67 24.93
C ASP A 125 9.32 6.74 25.18
N ALA A 126 8.09 7.24 25.16
CA ALA A 126 6.98 6.36 25.50
C ALA A 126 5.67 6.89 24.94
N ILE A 127 4.81 5.95 24.52
CA ILE A 127 3.43 6.23 24.20
C ILE A 127 2.54 5.32 25.04
N GLU A 128 1.30 5.76 25.24
CA GLU A 128 0.21 4.91 25.69
C GLU A 128 -0.66 4.57 24.50
N MET A 129 -1.13 3.32 24.46
CA MET A 129 -1.96 2.84 23.37
C MET A 129 -3.06 1.99 23.97
N GLU A 130 -4.30 2.27 23.60
CA GLU A 130 -5.45 1.53 24.12
C GLU A 130 -6.19 0.86 22.98
N TYR A 131 -6.20 -0.46 23.01
CA TYR A 131 -7.08 -1.26 22.17
C TYR A 131 -8.49 -1.22 22.75
N VAL A 132 -9.47 -0.87 21.92
CA VAL A 132 -10.87 -0.88 22.31
C VAL A 132 -11.67 -1.54 21.19
N SER A 133 -12.34 -2.64 21.50
CA SER A 133 -13.10 -3.35 20.50
C SER A 133 -14.09 -4.28 21.17
N LYS A 134 -15.19 -4.54 20.48
CA LYS A 134 -16.14 -5.54 20.93
C LYS A 134 -15.67 -6.97 20.67
N ARG A 135 -14.53 -7.15 19.98
CA ARG A 135 -14.10 -8.46 19.51
C ARG A 135 -13.14 -9.18 20.45
N LYS A 136 -12.54 -8.48 21.41
CA LYS A 136 -11.72 -9.12 22.46
C LYS A 136 -10.55 -9.89 21.87
N MET A 137 -9.80 -9.25 20.98
CA MET A 137 -8.65 -9.90 20.34
C MET A 137 -7.36 -9.37 20.94
N TYR A 138 -7.23 -9.59 22.26
CA TYR A 138 -6.13 -9.05 23.04
C TYR A 138 -4.78 -9.57 22.53
N ASP A 139 -4.67 -10.88 22.31
CA ASP A 139 -3.38 -11.46 21.97
C ASP A 139 -2.94 -11.06 20.57
N TYR A 140 -3.88 -10.95 19.63
CA TYR A 140 -3.55 -10.44 18.31
C TYR A 140 -2.98 -9.03 18.39
N PHE A 141 -3.65 -8.15 19.15
CA PHE A 141 -3.17 -6.79 19.36
C PHE A 141 -1.75 -6.77 19.91
N LEU A 142 -1.50 -7.56 20.96
CA LEU A 142 -0.17 -7.58 21.58
C LEU A 142 0.87 -8.17 20.64
N GLY A 143 0.51 -9.21 19.90
CA GLY A 143 1.44 -9.78 18.94
C GLY A 143 1.81 -8.81 17.84
N LEU A 144 0.84 -8.02 17.38
CA LEU A 144 1.11 -7.03 16.32
C LEU A 144 2.12 -5.98 16.80
N ILE A 145 2.04 -5.59 18.07
CA ILE A 145 3.02 -4.66 18.61
C ILE A 145 4.40 -5.30 18.65
N GLU A 146 4.48 -6.55 19.11
CA GLU A 146 5.77 -7.22 19.18
C GLU A 146 6.36 -7.46 17.80
N GLY A 147 5.51 -7.81 16.83
CA GLY A 147 5.99 -7.94 15.45
C GLY A 147 6.38 -6.63 14.83
N SER A 148 5.74 -5.53 15.23
CA SER A 148 6.11 -4.22 14.73
C SER A 148 7.50 -3.83 15.22
N SER A 149 7.78 -4.07 16.50
CA SER A 149 9.12 -3.86 17.04
C SER A 149 10.17 -4.67 16.26
N LYS A 150 9.84 -5.93 15.95
CA LYS A 150 10.77 -6.76 15.21
C LYS A 150 11.03 -6.21 13.81
N PHE A 151 9.97 -5.80 13.11
CA PHE A 151 10.14 -5.33 11.73
C PHE A 151 10.96 -4.06 11.66
N PHE A 152 10.62 -3.08 12.50
CA PHE A 152 11.32 -1.80 12.49
C PHE A 152 12.66 -1.85 13.21
N LYS A 153 13.01 -2.98 13.83
CA LYS A 153 14.26 -3.15 14.55
C LYS A 153 14.45 -2.07 15.62
N GLU A 154 13.38 -1.81 16.37
CA GLU A 154 13.40 -0.84 17.45
C GLU A 154 12.95 -1.52 18.73
N GLU A 155 13.83 -1.54 19.72
CA GLU A 155 13.54 -2.20 20.99
C GLU A 155 12.51 -1.41 21.78
N ILE A 156 11.50 -2.12 22.27
CA ILE A 156 10.48 -1.55 23.16
C ILE A 156 10.24 -2.52 24.30
N SER A 157 9.70 -1.99 25.40
CA SER A 157 9.10 -2.79 26.45
C SER A 157 7.63 -2.41 26.52
N VAL A 158 6.79 -3.43 26.74
CA VAL A 158 5.34 -3.27 26.73
C VAL A 158 4.81 -3.61 28.11
N GLU A 159 4.26 -2.62 28.79
CA GLU A 159 3.63 -2.78 30.09
C GLU A 159 2.11 -2.81 29.89
N GLU A 160 1.49 -3.95 30.19
CA GLU A 160 0.05 -4.08 30.06
C GLU A 160 -0.61 -3.46 31.30
N VAL A 161 -1.08 -2.22 31.15
CA VAL A 161 -1.56 -1.47 32.29
C VAL A 161 -2.90 -2.02 32.79
N GLU A 162 -3.81 -2.37 31.89
CA GLU A 162 -5.11 -2.87 32.31
C GLU A 162 -5.80 -3.54 31.14
N ARG A 163 -6.62 -4.54 31.47
CA ARG A 163 -7.30 -5.37 30.49
C ARG A 163 -8.63 -5.78 31.10
N GLY A 164 -9.72 -5.49 30.40
CA GLY A 164 -11.04 -5.81 30.92
C GLY A 164 -12.12 -5.32 29.97
N GLU A 165 -13.32 -5.84 30.18
CA GLU A 165 -14.48 -5.56 29.33
C GLU A 165 -15.45 -4.62 30.06
N LYS A 166 -16.00 -3.66 29.33
CA LYS A 166 -16.98 -2.75 29.92
C LYS A 166 -17.94 -2.25 28.84
N ASP A 167 -19.24 -2.30 29.13
CA ASP A 167 -20.30 -1.95 28.16
C ASP A 167 -20.18 -2.76 26.88
N GLY A 168 -19.73 -4.00 26.99
CA GLY A 168 -19.50 -4.85 25.84
C GLY A 168 -18.20 -4.61 25.11
N PHE A 169 -17.44 -3.59 25.50
CA PHE A 169 -16.17 -3.28 24.85
C PHE A 169 -15.02 -3.86 25.65
N SER A 170 -14.18 -4.64 24.97
CA SER A 170 -12.91 -5.08 25.52
C SER A 170 -11.89 -3.97 25.36
N ARG A 171 -11.11 -3.73 26.41
CA ARG A 171 -10.10 -2.68 26.40
C ARG A 171 -8.80 -3.22 26.98
N LEU A 172 -7.69 -2.87 26.34
CA LEU A 172 -6.36 -3.21 26.83
C LEU A 172 -5.47 -2.01 26.62
N LYS A 173 -5.02 -1.41 27.71
CA LYS A 173 -4.15 -0.24 27.69
C LYS A 173 -2.71 -0.68 27.95
N VAL A 174 -1.81 -0.32 27.05
CA VAL A 174 -0.39 -0.62 27.21
C VAL A 174 0.39 0.68 27.22
N ARG A 175 1.51 0.65 27.95
CA ARG A 175 2.51 1.70 27.90
C ARG A 175 3.74 1.13 27.21
N ILE A 176 4.11 1.71 26.08
CA ILE A 176 5.20 1.24 25.24
C ILE A 176 6.38 2.17 25.42
N LYS A 177 7.48 1.65 25.97
CA LYS A 177 8.68 2.44 26.22
C LYS A 177 9.77 2.05 25.24
N PHE A 178 10.31 3.05 24.55
CA PHE A 178 11.36 2.84 23.55
C PHE A 178 12.72 2.95 24.23
N LYS A 179 13.63 2.03 23.88
CA LYS A 179 14.98 2.08 24.42
C LYS A 179 15.65 3.41 24.08
N ASN A 180 15.47 3.88 22.84
CA ASN A 180 16.02 5.15 22.43
C ASN A 180 14.91 6.15 22.19
N PRO A 181 15.03 7.38 22.69
CA PRO A 181 13.90 8.33 22.63
C PRO A 181 13.45 8.57 21.19
N VAL A 182 12.16 8.80 21.03
CA VAL A 182 11.55 8.94 19.70
C VAL A 182 10.87 10.28 19.49
N PHE A 183 10.70 11.10 20.52
CA PHE A 183 10.03 12.39 20.38
C PHE A 183 10.95 13.54 20.75
N GLU A 184 10.66 14.71 20.17
CA GLU A 184 11.14 15.99 20.68
C GLU A 184 9.95 16.93 20.77
N TYR A 185 10.05 17.90 21.68
CA TYR A 185 9.00 18.89 21.83
C TYR A 185 9.00 19.85 20.64
N LYS A 186 7.81 20.10 20.08
CA LYS A 186 7.70 21.04 18.98
C LYS A 186 6.41 21.84 19.09
N LYS A 187 6.33 22.88 18.27
CA LYS A 187 5.26 23.87 18.36
C LYS A 187 3.89 23.26 18.11
N ASN A 188 2.89 23.81 18.78
CA ASN A 188 1.50 23.51 18.45
C ASN A 188 1.11 24.16 17.12
N MET B 1 -7.29 0.07 -11.73
CA MET B 1 -6.11 0.74 -11.19
C MET B 1 -6.03 0.56 -9.67
N LYS B 2 -4.82 0.31 -9.17
CA LYS B 2 -4.62 0.12 -7.74
C LYS B 2 -5.06 1.36 -6.97
N GLY B 3 -5.69 1.13 -5.82
CA GLY B 3 -6.36 2.21 -5.12
C GLY B 3 -5.41 3.29 -4.61
N THR B 4 -4.25 2.88 -4.08
CA THR B 4 -3.28 3.87 -3.61
C THR B 4 -2.95 4.88 -4.70
N ILE B 5 -2.76 4.40 -5.92
CA ILE B 5 -2.34 5.27 -7.01
C ILE B 5 -3.45 6.23 -7.40
N VAL B 6 -4.68 5.73 -7.50
CA VAL B 6 -5.81 6.61 -7.81
C VAL B 6 -5.94 7.70 -6.75
N GLY B 7 -5.71 7.35 -5.48
CA GLY B 7 -5.76 8.34 -4.42
C GLY B 7 -4.73 9.44 -4.61
N THR B 8 -3.50 9.06 -4.99
CA THR B 8 -2.48 10.09 -5.18
C THR B 8 -2.77 10.93 -6.42
N TRP B 9 -3.45 10.36 -7.42
CA TRP B 9 -3.88 11.15 -8.57
C TRP B 9 -4.89 12.21 -8.15
N ILE B 10 -5.83 11.83 -7.28
CA ILE B 10 -6.85 12.78 -6.83
C ILE B 10 -6.21 13.92 -6.06
N LYS B 11 -5.26 13.62 -5.18
CA LYS B 11 -4.55 14.68 -4.45
C LYS B 11 -3.82 15.62 -5.41
N THR B 12 -3.17 15.07 -6.43
CA THR B 12 -2.42 15.89 -7.37
C THR B 12 -3.35 16.75 -8.23
N LEU B 13 -4.52 16.22 -8.58
CA LEU B 13 -5.50 17.02 -9.32
C LEU B 13 -5.96 18.21 -8.49
N ARG B 14 -6.09 18.03 -7.17
CA ARG B 14 -6.42 19.16 -6.30
C ARG B 14 -5.28 20.18 -6.28
N ASP B 15 -4.03 19.71 -6.20
CA ASP B 15 -2.90 20.62 -6.26
C ASP B 15 -2.88 21.41 -7.56
N LEU B 16 -3.31 20.78 -8.66
CA LEU B 16 -3.17 21.38 -9.97
C LEU B 16 -4.37 22.26 -10.33
N TYR B 17 -5.58 21.80 -10.01
CA TYR B 17 -6.77 22.41 -10.56
C TYR B 17 -7.78 22.90 -9.53
N GLY B 18 -7.63 22.53 -8.26
CA GLY B 18 -8.51 23.07 -7.24
C GLY B 18 -9.52 22.04 -6.76
N ASN B 19 -9.99 22.25 -5.52
CA ASN B 19 -10.89 21.28 -4.89
C ASN B 19 -12.26 21.26 -5.55
N ASP B 20 -12.76 22.39 -6.04
CA ASP B 20 -14.08 22.40 -6.64
C ASP B 20 -14.12 21.58 -7.92
N VAL B 21 -13.12 21.77 -8.78
CA VAL B 21 -13.03 20.99 -10.01
C VAL B 21 -13.00 19.50 -9.69
N VAL B 22 -12.24 19.12 -8.67
CA VAL B 22 -12.08 17.70 -8.34
C VAL B 22 -13.34 17.16 -7.65
N ASP B 23 -13.86 17.90 -6.66
CA ASP B 23 -15.09 17.48 -5.98
C ASP B 23 -16.21 17.22 -6.97
N GLU B 24 -16.40 18.15 -7.91
CA GLU B 24 -17.48 18.01 -8.89
C GLU B 24 -17.20 16.86 -9.85
N SER B 25 -15.94 16.67 -10.24
CA SER B 25 -15.61 15.57 -11.15
C SER B 25 -15.84 14.23 -10.48
N LEU B 26 -15.48 14.11 -9.20
CA LEU B 26 -15.76 12.88 -8.46
C LEU B 26 -17.26 12.63 -8.34
N LYS B 27 -18.02 13.68 -8.05
CA LYS B 27 -19.47 13.54 -7.95
C LYS B 27 -20.12 13.23 -9.30
N SER B 28 -19.47 13.56 -10.42
CA SER B 28 -20.02 13.26 -11.73
C SER B 28 -20.01 11.77 -12.04
N VAL B 29 -19.16 10.99 -11.38
CA VAL B 29 -19.17 9.53 -11.53
C VAL B 29 -19.82 8.85 -10.33
N GLY B 30 -20.48 9.60 -9.46
CA GLY B 30 -21.21 9.01 -8.36
C GLY B 30 -20.42 8.77 -7.10
N TRP B 31 -19.18 9.24 -7.02
CA TRP B 31 -18.41 9.07 -5.80
C TRP B 31 -18.77 10.14 -4.77
N GLU B 32 -18.46 9.85 -3.53
CA GLU B 32 -18.40 10.93 -2.56
C GLU B 32 -17.11 11.74 -2.78
N PRO B 33 -17.18 13.07 -2.73
CA PRO B 33 -15.97 13.89 -2.96
C PRO B 33 -14.96 13.81 -1.82
N ASP B 34 -15.32 13.12 -0.73
CA ASP B 34 -14.41 12.78 0.36
C ASP B 34 -14.23 11.26 0.48
N ARG B 35 -14.53 10.52 -0.57
CA ARG B 35 -14.39 9.06 -0.54
C ARG B 35 -12.98 8.65 -0.16
N VAL B 36 -12.88 7.62 0.66
CA VAL B 36 -11.60 7.07 1.09
C VAL B 36 -11.33 5.82 0.25
N ILE B 37 -10.22 5.82 -0.47
CA ILE B 37 -9.80 4.67 -1.27
C ILE B 37 -8.85 3.84 -0.44
N THR B 38 -9.16 2.55 -0.29
CA THR B 38 -8.22 1.65 0.37
C THR B 38 -7.12 1.23 -0.60
N PRO B 39 -5.97 0.79 -0.06
CA PRO B 39 -4.81 0.49 -0.92
C PRO B 39 -5.06 -0.55 -2.00
N LEU B 40 -5.71 -1.66 -1.66
CA LEU B 40 -5.79 -2.79 -2.57
C LEU B 40 -7.05 -2.82 -3.41
N GLU B 41 -7.93 -1.83 -3.27
CA GLU B 41 -9.04 -1.69 -4.20
C GLU B 41 -8.53 -1.65 -5.63
N ASP B 42 -9.31 -2.21 -6.54
CA ASP B 42 -9.12 -1.99 -7.96
C ASP B 42 -10.20 -1.01 -8.41
N ILE B 43 -9.83 0.26 -8.47
CA ILE B 43 -10.72 1.29 -9.01
C ILE B 43 -10.87 1.05 -10.50
N ASP B 44 -12.11 1.08 -10.98
CA ASP B 44 -12.37 0.79 -12.39
C ASP B 44 -11.69 1.84 -13.27
N ASP B 45 -10.87 1.37 -14.21
CA ASP B 45 -10.17 2.28 -15.11
C ASP B 45 -11.13 3.19 -15.86
N ASP B 46 -12.33 2.71 -16.16
CA ASP B 46 -13.31 3.54 -16.85
C ASP B 46 -13.80 4.69 -15.97
N GLU B 47 -13.94 4.46 -14.66
CA GLU B 47 -14.32 5.55 -13.77
C GLU B 47 -13.23 6.61 -13.68
N VAL B 48 -11.97 6.17 -13.64
CA VAL B 48 -10.85 7.11 -13.68
C VAL B 48 -10.90 7.93 -14.96
N ARG B 49 -11.11 7.26 -16.10
CA ARG B 49 -11.19 7.97 -17.38
C ARG B 49 -12.26 9.04 -17.35
N ARG B 50 -13.43 8.73 -16.77
CA ARG B 50 -14.52 9.70 -16.76
C ARG B 50 -14.24 10.85 -15.80
N ILE B 51 -13.51 10.58 -14.70
CA ILE B 51 -13.10 11.65 -13.80
C ILE B 51 -12.17 12.62 -14.52
N PHE B 52 -11.14 12.09 -15.17
CA PHE B 52 -10.19 12.94 -15.89
C PHE B 52 -10.86 13.66 -17.06
N ALA B 53 -11.83 13.01 -17.71
CA ALA B 53 -12.58 13.68 -18.77
C ALA B 53 -13.34 14.88 -18.24
N LYS B 54 -13.88 14.77 -17.02
CA LYS B 54 -14.60 15.89 -16.43
C LYS B 54 -13.64 17.01 -16.05
N VAL B 55 -12.46 16.67 -15.51
CA VAL B 55 -11.44 17.67 -15.21
C VAL B 55 -11.04 18.41 -16.48
N SER B 56 -10.87 17.67 -17.58
CA SER B 56 -10.55 18.31 -18.86
C SER B 56 -11.65 19.26 -19.29
N GLU B 57 -12.90 18.82 -19.16
CA GLU B 57 -14.05 19.65 -19.56
C GLU B 57 -14.07 20.95 -18.76
N LYS B 58 -13.87 20.87 -17.44
CA LYS B 58 -13.98 22.05 -16.60
C LYS B 58 -12.77 22.97 -16.73
N THR B 59 -11.59 22.42 -16.91
CA THR B 59 -10.38 23.23 -17.01
C THR B 59 -10.10 23.72 -18.43
N GLY B 60 -10.77 23.17 -19.44
CA GLY B 60 -10.41 23.47 -20.81
C GLY B 60 -9.11 22.85 -21.27
N LYS B 61 -8.49 22.00 -20.46
CA LYS B 61 -7.22 21.40 -20.82
C LYS B 61 -7.43 20.05 -21.49
N ASN B 62 -6.54 19.72 -22.42
CA ASN B 62 -6.55 18.40 -23.03
C ASN B 62 -6.14 17.37 -22.00
N VAL B 63 -6.82 16.22 -22.00
CA VAL B 63 -6.55 15.22 -20.97
C VAL B 63 -5.14 14.66 -21.08
N ASN B 64 -4.57 14.67 -22.28
CA ASN B 64 -3.17 14.26 -22.44
C ASN B 64 -2.23 15.18 -21.67
N GLU B 65 -2.50 16.48 -21.72
CA GLU B 65 -1.73 17.45 -20.93
C GLU B 65 -1.95 17.23 -19.44
N ILE B 66 -3.18 16.89 -19.04
CA ILE B 66 -3.46 16.57 -17.65
C ILE B 66 -2.58 15.39 -17.19
N TRP B 67 -2.63 14.29 -17.95
CA TRP B 67 -1.87 13.10 -17.57
C TRP B 67 -0.38 13.38 -17.51
N ARG B 68 0.13 14.14 -18.48
CA ARG B 68 1.54 14.52 -18.47
C ARG B 68 1.89 15.26 -17.19
N GLU B 69 1.05 16.21 -16.78
CA GLU B 69 1.35 17.00 -15.60
C GLU B 69 1.17 16.19 -14.32
N VAL B 70 0.14 15.35 -14.27
CA VAL B 70 -0.02 14.46 -13.12
C VAL B 70 1.19 13.53 -13.00
N GLY B 71 1.71 13.06 -14.13
CA GLY B 71 2.91 12.23 -14.08
C GLY B 71 4.11 12.99 -13.54
N ARG B 72 4.30 14.23 -14.01
CA ARG B 72 5.42 15.04 -13.52
C ARG B 72 5.37 15.19 -12.00
N GLN B 73 4.17 15.41 -11.46
CA GLN B 73 4.02 15.73 -10.04
C GLN B 73 4.08 14.50 -9.14
N ASN B 74 3.71 13.33 -9.65
CA ASN B 74 3.58 12.15 -8.80
C ASN B 74 4.92 11.66 -8.26
N ILE B 75 6.02 11.93 -8.96
CA ILE B 75 7.33 11.42 -8.52
C ILE B 75 7.66 11.96 -7.14
N LYS B 76 7.39 13.25 -6.91
CA LYS B 76 7.61 13.84 -5.59
C LYS B 76 6.89 13.07 -4.50
N THR B 77 5.61 12.76 -4.73
CA THR B 77 4.85 11.96 -3.77
C THR B 77 5.47 10.59 -3.57
N PHE B 78 5.85 9.93 -4.67
CA PHE B 78 6.47 8.62 -4.57
C PHE B 78 7.76 8.66 -3.77
N SER B 79 8.53 9.74 -3.86
CA SER B 79 9.75 9.85 -3.07
C SER B 79 9.43 9.99 -1.59
N GLU B 80 8.26 10.52 -1.26
CA GLU B 80 7.82 10.55 0.13
C GLU B 80 7.30 9.20 0.60
N TRP B 81 6.69 8.43 -0.31
CA TRP B 81 6.19 7.10 0.03
C TRP B 81 7.32 6.09 0.18
N PHE B 82 8.26 6.07 -0.77
CA PHE B 82 9.29 5.04 -0.86
C PHE B 82 10.67 5.70 -1.00
N PRO B 83 11.16 6.35 0.05
CA PRO B 83 12.45 7.04 -0.06
C PRO B 83 13.62 6.14 -0.43
N SER B 84 13.56 4.84 -0.10
CA SER B 84 14.67 3.96 -0.45
C SER B 84 14.75 3.66 -1.95
N TYR B 85 13.67 3.90 -2.71
CA TYR B 85 13.75 3.81 -4.15
C TYR B 85 14.58 4.94 -4.75
N PHE B 86 14.82 6.01 -4.00
CA PHE B 86 15.43 7.23 -4.51
C PHE B 86 16.78 7.54 -3.89
N ALA B 87 16.93 7.32 -2.59
CA ALA B 87 18.12 7.76 -1.87
C ALA B 87 19.35 6.97 -2.32
N GLY B 88 20.42 7.69 -2.63
CA GLY B 88 21.65 7.05 -3.06
C GLY B 88 21.57 6.37 -4.40
N ARG B 89 20.53 6.67 -5.19
CA ARG B 89 20.39 6.16 -6.53
C ARG B 89 20.50 7.29 -7.53
N ARG B 90 20.93 6.93 -8.74
CA ARG B 90 20.91 7.85 -9.86
C ARG B 90 19.75 7.49 -10.77
N LEU B 91 19.42 8.41 -11.67
CA LEU B 91 18.22 8.27 -12.49
C LEU B 91 18.21 6.96 -13.27
N VAL B 92 19.36 6.56 -13.80
CA VAL B 92 19.38 5.36 -14.65
C VAL B 92 19.12 4.11 -13.82
N ASN B 93 19.62 4.06 -12.58
CA ASN B 93 19.26 2.95 -11.70
C ASN B 93 17.77 2.93 -11.42
N PHE B 94 17.21 4.11 -11.15
CA PHE B 94 15.78 4.24 -10.84
C PHE B 94 14.93 3.75 -12.01
N LEU B 95 15.23 4.19 -13.22
CA LEU B 95 14.41 3.84 -14.37
C LEU B 95 14.49 2.34 -14.66
N MET B 96 15.67 1.74 -14.48
CA MET B 96 15.86 0.34 -14.85
C MET B 96 15.23 -0.63 -13.85
N MET B 97 14.86 -0.16 -12.66
CA MET B 97 14.18 -1.02 -11.70
C MET B 97 12.67 -0.82 -11.69
N MET B 98 12.15 0.07 -12.55
CA MET B 98 10.73 0.39 -12.50
C MET B 98 9.86 -0.81 -12.87
N ASP B 99 10.29 -1.60 -13.86
CA ASP B 99 9.50 -2.77 -14.24
C ASP B 99 9.38 -3.74 -13.07
N GLU B 100 10.47 -3.95 -12.33
CA GLU B 100 10.41 -4.83 -11.17
C GLU B 100 9.58 -4.23 -10.05
N VAL B 101 9.70 -2.91 -9.85
CA VAL B 101 8.92 -2.24 -8.80
C VAL B 101 7.43 -2.41 -9.04
N HIS B 102 7.00 -2.27 -10.29
CA HIS B 102 5.56 -2.34 -10.57
C HIS B 102 5.02 -3.75 -10.43
N LEU B 103 5.85 -4.76 -10.69
CA LEU B 103 5.45 -6.13 -10.37
C LEU B 103 5.31 -6.31 -8.86
N GLN B 104 6.32 -5.86 -8.10
CA GLN B 104 6.33 -6.04 -6.65
C GLN B 104 5.16 -5.31 -5.98
N LEU B 105 4.79 -4.13 -6.47
CA LEU B 105 3.73 -3.35 -5.84
C LEU B 105 2.33 -3.76 -6.27
N THR B 106 2.21 -4.69 -7.23
CA THR B 106 0.92 -5.25 -7.59
C THR B 106 0.85 -6.75 -7.35
N LYS B 107 1.91 -7.37 -6.82
CA LYS B 107 1.94 -8.82 -6.66
C LYS B 107 0.88 -9.32 -5.70
N MET B 108 0.38 -8.48 -4.80
CA MET B 108 -0.62 -8.89 -3.84
C MET B 108 -2.04 -8.84 -4.40
N ILE B 109 -2.22 -8.37 -5.64
CA ILE B 109 -3.54 -8.22 -6.25
C ILE B 109 -3.77 -9.37 -7.22
N LYS B 110 -4.92 -10.03 -7.07
CA LYS B 110 -5.29 -11.15 -7.93
C LYS B 110 -5.56 -10.65 -9.34
N GLY B 111 -4.92 -11.28 -10.32
CA GLY B 111 -5.09 -10.87 -11.70
C GLY B 111 -4.59 -9.47 -11.99
N ALA B 112 -3.55 -9.02 -11.31
CA ALA B 112 -2.99 -7.70 -11.55
C ALA B 112 -2.40 -7.60 -12.95
N THR B 113 -2.54 -6.40 -13.53
CA THR B 113 -2.00 -6.10 -14.86
C THR B 113 -1.18 -4.82 -14.79
N PRO B 114 -0.02 -4.87 -14.12
CA PRO B 114 0.82 -3.69 -14.07
C PRO B 114 1.38 -3.37 -15.45
N PRO B 115 1.67 -2.10 -15.73
CA PRO B 115 2.40 -1.79 -16.96
C PRO B 115 3.77 -2.46 -16.92
N ARG B 116 4.20 -2.92 -18.09
CA ARG B 116 5.58 -3.38 -18.23
C ARG B 116 6.42 -2.19 -18.68
N LEU B 117 7.62 -2.10 -18.11
CA LEU B 117 8.47 -0.92 -18.25
C LEU B 117 9.93 -1.31 -18.46
N ILE B 118 10.17 -2.43 -19.13
CA ILE B 118 11.52 -2.95 -19.25
C ILE B 118 12.43 -1.93 -19.93
N ALA B 119 13.59 -1.70 -19.34
CA ALA B 119 14.59 -0.79 -19.87
C ALA B 119 15.91 -1.52 -20.08
N LYS B 120 16.69 -1.07 -21.06
CA LYS B 120 17.96 -1.73 -21.34
C LYS B 120 18.97 -0.75 -21.91
N PRO B 121 20.25 -0.92 -21.61
CA PRO B 121 21.27 -0.02 -22.16
C PRO B 121 21.39 -0.23 -23.66
N VAL B 122 21.63 0.86 -24.39
CA VAL B 122 21.88 0.77 -25.83
C VAL B 122 23.11 1.58 -26.21
N ALA B 123 23.63 2.38 -25.29
CA ALA B 123 24.83 3.16 -25.53
C ALA B 123 25.45 3.50 -24.19
N LYS B 124 26.65 4.09 -24.23
CA LYS B 124 27.28 4.51 -22.98
C LYS B 124 26.41 5.52 -22.24
N ASP B 125 25.60 6.29 -22.97
CA ASP B 125 24.81 7.38 -22.39
C ASP B 125 23.32 7.25 -22.69
N ALA B 126 22.81 6.04 -22.90
CA ALA B 126 21.42 5.93 -23.32
C ALA B 126 20.85 4.57 -22.97
N ILE B 127 19.57 4.56 -22.59
CA ILE B 127 18.78 3.35 -22.46
C ILE B 127 17.60 3.44 -23.42
N GLU B 128 17.01 2.27 -23.69
CA GLU B 128 15.68 2.18 -24.26
C GLU B 128 14.73 1.70 -23.18
N MET B 129 13.54 2.30 -23.13
CA MET B 129 12.49 1.91 -22.21
C MET B 129 11.23 1.68 -23.03
N GLU B 130 10.63 0.49 -22.89
CA GLU B 130 9.41 0.15 -23.62
C GLU B 130 8.26 0.02 -22.64
N TYR B 131 7.32 0.95 -22.73
CA TYR B 131 6.04 0.86 -22.04
C TYR B 131 5.11 -0.10 -22.79
N VAL B 132 4.49 -1.02 -22.06
CA VAL B 132 3.53 -1.99 -22.59
C VAL B 132 2.40 -2.12 -21.56
N SER B 133 1.20 -1.73 -21.94
CA SER B 133 0.04 -1.70 -21.05
C SER B 133 -1.18 -1.63 -21.97
N LYS B 134 -2.23 -2.41 -21.65
CA LYS B 134 -3.51 -2.28 -22.34
C LYS B 134 -4.15 -0.91 -22.13
N ARG B 135 -3.66 -0.15 -21.15
CA ARG B 135 -4.26 1.10 -20.74
C ARG B 135 -3.86 2.29 -21.60
N LYS B 136 -2.78 2.18 -22.37
CA LYS B 136 -2.38 3.18 -23.36
C LYS B 136 -2.22 4.57 -22.72
N MET B 137 -1.49 4.62 -21.61
CA MET B 137 -1.28 5.87 -20.89
C MET B 137 0.08 6.47 -21.23
N TYR B 138 0.24 6.78 -22.52
CA TYR B 138 1.51 7.30 -23.04
C TYR B 138 1.94 8.57 -22.31
N ASP B 139 1.02 9.54 -22.19
CA ASP B 139 1.39 10.84 -21.65
C ASP B 139 1.73 10.75 -20.16
N TYR B 140 1.02 9.90 -19.42
CA TYR B 140 1.38 9.68 -18.03
C TYR B 140 2.78 9.08 -17.91
N PHE B 141 3.06 8.07 -18.75
CA PHE B 141 4.39 7.47 -18.81
C PHE B 141 5.46 8.54 -19.07
N LEU B 142 5.24 9.41 -20.05
CA LEU B 142 6.23 10.43 -20.38
C LEU B 142 6.39 11.44 -19.25
N GLY B 143 5.28 11.86 -18.62
CA GLY B 143 5.38 12.82 -17.54
C GLY B 143 6.15 12.29 -16.35
N LEU B 144 5.97 11.01 -16.03
CA LEU B 144 6.71 10.41 -14.93
C LEU B 144 8.21 10.41 -15.21
N ILE B 145 8.59 10.11 -16.46
CA ILE B 145 10.00 10.19 -16.83
C ILE B 145 10.52 11.61 -16.68
N GLU B 146 9.75 12.60 -17.13
CA GLU B 146 10.14 13.99 -16.97
C GLU B 146 10.21 14.38 -15.49
N GLY B 147 9.28 13.88 -14.68
CA GLY B 147 9.33 14.12 -13.26
C GLY B 147 10.49 13.43 -12.58
N SER B 148 10.88 12.25 -13.09
CA SER B 148 12.02 11.54 -12.53
C SER B 148 13.32 12.28 -12.84
N SER B 149 13.47 12.78 -14.06
CA SER B 149 14.63 13.60 -14.40
C SER B 149 14.74 14.81 -13.48
N LYS B 150 13.63 15.53 -13.28
CA LYS B 150 13.65 16.74 -12.47
C LYS B 150 14.01 16.42 -11.02
N PHE B 151 13.47 15.31 -10.47
CA PHE B 151 13.74 14.99 -9.08
C PHE B 151 15.19 14.58 -8.88
N PHE B 152 15.72 13.73 -9.74
CA PHE B 152 17.12 13.32 -9.66
C PHE B 152 18.07 14.39 -10.16
N LYS B 153 17.56 15.49 -10.73
CA LYS B 153 18.38 16.59 -11.25
C LYS B 153 19.41 16.09 -12.26
N GLU B 154 18.94 15.27 -13.19
CA GLU B 154 19.78 14.75 -14.27
C GLU B 154 19.08 15.04 -15.58
N GLU B 155 19.73 15.83 -16.43
CA GLU B 155 19.15 16.19 -17.72
C GLU B 155 19.10 14.98 -18.64
N ILE B 156 17.95 14.79 -19.28
CA ILE B 156 17.77 13.76 -20.29
C ILE B 156 17.02 14.36 -21.48
N SER B 157 17.19 13.73 -22.63
CA SER B 157 16.29 13.88 -23.77
C SER B 157 15.58 12.55 -23.96
N VAL B 158 14.34 12.62 -24.41
CA VAL B 158 13.47 11.45 -24.58
C VAL B 158 12.91 11.49 -25.99
N GLU B 159 13.24 10.48 -26.79
CA GLU B 159 12.81 10.45 -28.18
C GLU B 159 12.11 9.12 -28.46
N GLU B 160 10.93 9.20 -29.08
CA GLU B 160 10.13 8.02 -29.36
C GLU B 160 10.74 7.25 -30.52
N VAL B 161 11.04 5.98 -30.29
CA VAL B 161 11.57 5.11 -31.33
C VAL B 161 10.46 4.40 -32.08
N GLU B 162 9.45 3.89 -31.37
CA GLU B 162 8.34 3.25 -32.02
C GLU B 162 7.17 3.17 -31.05
N ARG B 163 5.99 2.94 -31.61
CA ARG B 163 4.79 2.65 -30.86
C ARG B 163 3.96 1.67 -31.69
N GLY B 164 2.99 1.05 -31.03
CA GLY B 164 2.18 0.06 -31.72
C GLY B 164 1.08 -0.43 -30.84
N GLU B 165 0.11 -1.09 -31.47
CA GLU B 165 -1.02 -1.70 -30.78
C GLU B 165 -1.26 -3.07 -31.39
N LYS B 166 -1.39 -4.07 -30.52
CA LYS B 166 -1.67 -5.43 -30.96
C LYS B 166 -2.42 -6.15 -29.86
N ASP B 167 -3.57 -6.75 -30.22
CA ASP B 167 -4.35 -7.59 -29.31
C ASP B 167 -4.75 -6.83 -28.06
N GLY B 168 -4.99 -5.53 -28.22
CA GLY B 168 -5.40 -4.68 -27.11
C GLY B 168 -4.27 -4.07 -26.31
N PHE B 169 -3.03 -4.52 -26.52
CA PHE B 169 -1.88 -3.97 -25.81
C PHE B 169 -1.28 -2.82 -26.60
N SER B 170 -1.09 -1.68 -25.94
CA SER B 170 -0.38 -0.56 -26.53
C SER B 170 1.07 -0.58 -26.05
N ARG B 171 1.97 -0.16 -26.92
CA ARG B 171 3.37 -0.06 -26.55
C ARG B 171 3.95 1.26 -27.07
N LEU B 172 4.87 1.80 -26.29
CA LEU B 172 5.61 3.00 -26.61
C LEU B 172 7.05 2.76 -26.21
N LYS B 173 7.97 2.77 -27.18
CA LYS B 173 9.39 2.58 -26.92
C LYS B 173 10.08 3.92 -27.09
N VAL B 174 10.78 4.36 -26.06
CA VAL B 174 11.52 5.61 -26.08
C VAL B 174 12.99 5.33 -25.85
N ARG B 175 13.83 6.19 -26.42
CA ARG B 175 15.26 6.20 -26.20
C ARG B 175 15.58 7.38 -25.29
N ILE B 176 16.21 7.09 -24.14
CA ILE B 176 16.47 8.08 -23.11
C ILE B 176 17.96 8.30 -23.05
N LYS B 177 18.40 9.49 -23.43
CA LYS B 177 19.82 9.84 -23.53
C LYS B 177 20.19 10.76 -22.38
N PHE B 178 21.18 10.36 -21.61
CA PHE B 178 21.70 11.16 -20.51
C PHE B 178 22.83 12.04 -21.02
N LYS B 179 22.91 13.24 -20.45
CA LYS B 179 23.98 14.17 -20.84
C LYS B 179 25.34 13.64 -20.41
N ASN B 180 25.38 12.90 -19.30
CA ASN B 180 26.63 12.30 -18.84
C ASN B 180 26.57 10.79 -18.96
N PRO B 181 27.67 10.15 -19.37
CA PRO B 181 27.65 8.69 -19.57
C PRO B 181 27.28 7.94 -18.29
N VAL B 182 26.57 6.83 -18.45
CA VAL B 182 26.10 6.06 -17.31
C VAL B 182 26.48 4.59 -17.43
N PHE B 183 26.93 4.17 -18.62
CA PHE B 183 27.35 2.79 -18.83
C PHE B 183 28.76 2.74 -19.39
N GLU B 184 29.42 1.61 -19.15
CA GLU B 184 30.69 1.30 -19.78
C GLU B 184 30.63 -0.12 -20.31
N TYR B 185 31.30 -0.33 -21.43
CA TYR B 185 31.55 -1.68 -21.91
C TYR B 185 32.32 -2.48 -20.86
N LYS B 186 31.76 -3.60 -20.46
CA LYS B 186 32.42 -4.55 -19.58
C LYS B 186 32.35 -5.92 -20.22
N LYS B 187 33.32 -6.77 -19.88
CA LYS B 187 33.45 -8.07 -20.52
C LYS B 187 32.25 -8.95 -20.16
N ASN B 188 31.68 -9.59 -21.19
CA ASN B 188 30.47 -10.38 -21.00
C ASN B 188 30.80 -11.76 -20.43
CHA HEM C . -8.18 -5.68 12.36
CHB HEM C . -6.01 -3.02 8.97
CHC HEM C . -1.97 -3.08 11.61
CHD HEM C . -4.87 -3.88 15.38
C1A HEM C . -7.97 -4.95 11.21
C2A HEM C . -8.93 -4.67 10.16
C3A HEM C . -8.33 -3.94 9.23
C4A HEM C . -6.96 -3.72 9.65
CMA HEM C . -8.96 -3.40 7.92
CAA HEM C . -10.40 -5.13 10.10
CBA HEM C . -11.28 -4.17 10.89
CGA HEM C . -12.70 -4.69 10.83
O1A HEM C . -13.54 -4.25 11.66
O2A HEM C . -12.98 -5.54 9.95
C1B HEM C . -4.68 -2.94 9.31
C2B HEM C . -3.56 -2.66 8.43
C3B HEM C . -2.45 -2.68 9.15
C4B HEM C . -2.80 -2.97 10.53
CMB HEM C . -3.64 -2.40 6.91
CAB HEM C . -1.05 -2.42 8.53
CBB HEM C . 0.08 -2.51 9.24
C1C HEM C . -2.41 -3.17 12.91
C2C HEM C . -1.67 -2.86 14.11
C3C HEM C . -2.46 -3.10 15.16
C4C HEM C . -3.74 -3.53 14.64
CMC HEM C . -0.18 -2.39 14.08
CAC HEM C . -2.18 -2.92 16.67
CBC HEM C . -1.25 -2.07 17.14
C1D HEM C . -5.90 -4.61 14.88
C2D HEM C . -6.71 -5.57 15.62
C3D HEM C . -7.63 -6.08 14.80
C4D HEM C . -7.45 -5.46 13.50
CMD HEM C . -6.54 -5.95 17.10
CAD HEM C . -8.67 -7.14 15.19
CBD HEM C . -10.09 -6.58 15.07
CGD HEM C . -10.61 -6.24 16.44
O1D HEM C . -11.74 -5.67 16.55
O2D HEM C . -9.90 -6.51 17.44
NA HEM C . -6.77 -4.35 10.86
NB HEM C . -4.17 -3.13 10.58
NC HEM C . -3.68 -3.57 13.27
ND HEM C . -6.38 -4.57 13.58
FE HEM C . -5.24 -3.93 12.07
N NO D . -4.51 -5.58 11.99
O NO D . -5.22 -6.59 11.24
CHA HEM E . 0.92 2.73 -12.61
CHB HEM E . 3.75 2.58 -8.69
CHC HEM E . 7.02 5.34 -10.96
CHD HEM E . 4.78 4.22 -15.08
C1A HEM E . 1.42 2.42 -11.37
C2A HEM E . 0.82 1.52 -10.42
C3A HEM E . 1.60 1.48 -9.34
C4A HEM E . 2.72 2.35 -9.58
CMA HEM E . 1.35 0.64 -8.06
CAA HEM E . -0.51 0.73 -10.58
CBA HEM E . -0.39 -0.39 -11.61
CGA HEM E . -1.72 -1.10 -11.73
O1A HEM E . -2.64 -0.81 -10.90
O2A HEM E . -1.88 -1.94 -12.64
C1B HEM E . 4.83 3.39 -8.93
C2B HEM E . 5.77 3.87 -7.94
C3B HEM E . 6.66 4.65 -8.56
C4B HEM E . 6.33 4.67 -9.97
CMB HEM E . 5.68 3.53 -6.44
CAB HEM E . 7.89 5.40 -7.97
CBB HEM E . 8.50 5.04 -6.84
C1C HEM E . 6.77 5.16 -12.30
C2C HEM E . 7.69 5.43 -13.39
C3C HEM E . 7.06 5.12 -14.54
C4C HEM E . 5.75 4.63 -14.19
CMC HEM E . 9.12 5.99 -13.20
CAC HEM E . 7.55 5.20 -16.01
CBC HEM E . 8.79 5.56 -16.38
C1D HEM E . 3.48 3.87 -14.76
C2D HEM E . 2.32 3.84 -15.66
C3D HEM E . 1.23 3.41 -15.00
C4D HEM E . 1.68 3.17 -13.65
CMD HEM E . 2.38 4.24 -17.14
CAD HEM E . -0.23 3.24 -15.60
CBD HEM E . -0.69 1.80 -15.93
CGD HEM E . -0.54 1.51 -17.42
O1D HEM E . -0.09 2.48 -18.10
O2D HEM E . -0.88 0.35 -17.97
NA HEM E . 2.60 2.92 -10.83
NB HEM E . 5.20 3.90 -10.16
NC HEM E . 5.59 4.67 -12.82
ND HEM E . 3.04 3.45 -13.51
FE HEM E . 4.12 3.72 -11.85
N NO F . 3.42 5.35 -11.60
O NO F . 2.04 5.73 -11.32
I IOD G . 1.69 1.40 -3.59
#